data_9EKP
#
_entry.id   9EKP
#
_cell.length_a   78.316
_cell.length_b   58.412
_cell.length_c   87.218
_cell.angle_alpha   90.00
_cell.angle_beta   96.29
_cell.angle_gamma   90.00
#
_symmetry.space_group_name_H-M   'P 1 21 1'
#
loop_
_entity.id
_entity.type
_entity.pdbx_description
1 polymer 'WD repeat-containing protein 55'
2 non-polymer GLYCEROL
3 non-polymer (7P,8S)-7-[(2S)-2-methyl-2,3-dihydro-1-benzofuran-5-yl][1,2,4]triazolo[1,5-a]pyrimidine
4 non-polymer 1,2-ETHANEDIOL
5 water water
#
_entity_poly.entity_id   1
_entity_poly.type   'polypeptide(L)'
_entity_poly.pdbx_seq_one_letter_code
;SMEAPTRIRDTPEDIVLEAPASGLAFHPARDLLAAGDVDGDVFVFSYSCQEGETKELWSSGHHLKACRAVAFSEDGQKLI
TVSKDKAIHVLDVEQGQLERRVSKAHGAPINSLLLVDENVLATGDDTGGIRLWDQRKEGPLMDMRQHEEYIADMALDPAK
KLLLTASGDGCLGIFNIKRRRFELLSEPQSGDLTSVTLMKWGKKVACGSSEGTIYLFNWNGFGATSDRFALRAESIDCMV
PVTESLLCTGSTDGVIRAVNILPNRVVGSVGQHTGEPVEELALSHCGRFLASSGHDQRLKFWDMAQLRAVVVDD
;
_entity_poly.pdbx_strand_id   A,B
#
# COMPACT_ATOMS: atom_id res chain seq x y z
N ALA A 4 -25.78 1.17 38.45
CA ALA A 4 -27.21 1.15 38.74
C ALA A 4 -28.01 1.70 37.55
N PRO A 5 -28.77 0.87 36.79
CA PRO A 5 -28.74 -0.59 36.90
C PRO A 5 -27.51 -1.12 36.18
N THR A 6 -26.73 -1.99 36.83
CA THR A 6 -25.73 -2.78 36.12
C THR A 6 -26.44 -4.02 35.59
N ARG A 7 -26.31 -4.23 34.26
CA ARG A 7 -26.88 -5.37 33.59
C ARG A 7 -25.74 -6.24 33.07
N ILE A 8 -25.61 -7.44 33.65
CA ILE A 8 -24.50 -8.32 33.37
C ILE A 8 -25.02 -9.59 32.67
N ARG A 9 -24.26 -10.08 31.69
CA ARG A 9 -24.59 -11.32 31.01
C ARG A 9 -23.43 -12.30 31.20
N ASP A 10 -23.59 -13.52 30.68
CA ASP A 10 -22.55 -14.53 30.73
C ASP A 10 -21.49 -14.29 29.65
N THR A 11 -21.84 -13.57 28.58
CA THR A 11 -20.87 -13.22 27.55
C THR A 11 -21.07 -11.77 27.13
N PRO A 12 -20.06 -11.14 26.49
CA PRO A 12 -20.27 -9.86 25.85
C PRO A 12 -21.39 -10.03 24.83
N GLU A 13 -22.07 -8.92 24.55
CA GLU A 13 -23.10 -8.88 23.52
C GLU A 13 -22.48 -9.08 22.15
N ASP A 14 -23.31 -9.55 21.22
CA ASP A 14 -22.91 -9.64 19.82
C ASP A 14 -22.44 -8.28 19.35
N ILE A 15 -21.43 -8.29 18.47
CA ILE A 15 -21.03 -7.11 17.73
C ILE A 15 -21.63 -7.22 16.34
N VAL A 16 -22.42 -6.20 15.96
CA VAL A 16 -23.12 -6.21 14.68
C VAL A 16 -22.32 -5.36 13.70
N LEU A 17 -21.82 -5.98 12.62
CA LEU A 17 -20.98 -5.30 11.64
C LEU A 17 -21.83 -4.87 10.45
N GLU A 18 -21.29 -3.93 9.65
CA GLU A 18 -21.93 -3.49 8.42
C GLU A 18 -21.43 -4.29 7.22
N ALA A 19 -20.34 -5.06 7.42
CA ALA A 19 -19.79 -5.94 6.39
C ALA A 19 -19.16 -7.15 7.06
N PRO A 20 -19.20 -8.34 6.42
CA PRO A 20 -18.67 -9.56 7.02
C PRO A 20 -17.14 -9.47 7.13
N ALA A 21 -16.59 -10.12 8.17
CA ALA A 21 -15.18 -10.03 8.52
C ALA A 21 -14.51 -11.40 8.46
N SER A 22 -13.43 -11.50 7.68
CA SER A 22 -12.55 -12.68 7.69
C SER A 22 -11.41 -12.53 8.70
N GLY A 23 -11.05 -11.29 9.03
CA GLY A 23 -10.00 -11.00 9.99
C GLY A 23 -10.59 -10.90 11.40
N LEU A 24 -9.95 -11.56 12.37
CA LEU A 24 -10.44 -11.61 13.74
C LEU A 24 -9.30 -11.98 14.66
N ALA A 25 -9.06 -11.20 15.71
CA ALA A 25 -8.04 -11.56 16.69
C ALA A 25 -8.32 -10.87 18.02
N PHE A 26 -8.04 -11.58 19.13
CA PHE A 26 -8.07 -11.02 20.47
C PHE A 26 -6.70 -10.45 20.85
N HIS A 27 -6.72 -9.38 21.65
CA HIS A 27 -5.54 -8.77 22.22
C HIS A 27 -4.94 -9.72 23.26
N PRO A 28 -3.60 -9.84 23.36
CA PRO A 28 -2.99 -10.77 24.31
C PRO A 28 -3.05 -10.41 25.80
N ALA A 29 -3.51 -9.21 26.17
CA ALA A 29 -3.48 -8.80 27.57
C ALA A 29 -4.71 -7.97 27.98
N ARG A 30 -5.45 -7.40 27.02
CA ARG A 30 -6.56 -6.52 27.33
C ARG A 30 -7.83 -7.07 26.69
N ASP A 31 -8.98 -6.54 27.12
CA ASP A 31 -10.27 -6.98 26.65
C ASP A 31 -10.61 -6.23 25.36
N LEU A 32 -9.80 -6.50 24.32
CA LEU A 32 -9.96 -5.90 23.00
C LEU A 32 -10.04 -7.00 21.95
N LEU A 33 -10.89 -6.76 20.95
CA LEU A 33 -11.09 -7.67 19.84
C LEU A 33 -10.97 -6.86 18.56
N ALA A 34 -10.15 -7.36 17.63
CA ALA A 34 -9.97 -6.74 16.33
C ALA A 34 -10.66 -7.57 15.25
N ALA A 35 -11.13 -6.88 14.21
CA ALA A 35 -11.72 -7.51 13.05
C ALA A 35 -11.29 -6.77 11.80
N GLY A 36 -11.19 -7.50 10.68
CA GLY A 36 -10.93 -6.90 9.38
C GLY A 36 -11.96 -7.44 8.39
N ASP A 37 -12.54 -6.54 7.57
CA ASP A 37 -13.73 -6.88 6.80
C ASP A 37 -13.47 -6.86 5.29
N VAL A 38 -14.49 -7.29 4.55
CA VAL A 38 -14.33 -7.58 3.13
C VAL A 38 -14.16 -6.31 2.32
N ASP A 39 -14.42 -5.14 2.92
CA ASP A 39 -14.20 -3.86 2.26
C ASP A 39 -12.79 -3.36 2.50
N GLY A 40 -12.07 -3.98 3.44
CA GLY A 40 -10.75 -3.52 3.83
C GLY A 40 -10.73 -2.78 5.16
N ASP A 41 -11.87 -2.55 5.78
CA ASP A 41 -11.86 -1.78 7.02
C ASP A 41 -11.44 -2.66 8.17
N VAL A 42 -10.84 -2.02 9.19
CA VAL A 42 -10.32 -2.70 10.36
C VAL A 42 -10.87 -2.00 11.60
N PHE A 43 -11.20 -2.77 12.62
CA PHE A 43 -11.89 -2.23 13.78
C PHE A 43 -11.27 -2.86 15.02
N VAL A 44 -11.23 -2.08 16.09
CA VAL A 44 -10.95 -2.62 17.41
C VAL A 44 -12.16 -2.31 18.30
N PHE A 45 -12.60 -3.35 19.02
CA PHE A 45 -13.71 -3.25 19.95
C PHE A 45 -13.24 -3.60 21.36
N SER A 46 -13.72 -2.84 22.36
CA SER A 46 -13.67 -3.30 23.74
C SER A 46 -14.83 -4.27 23.93
N TYR A 47 -14.65 -5.25 24.81
CA TYR A 47 -15.74 -6.16 25.08
C TYR A 47 -15.85 -6.30 26.61
N SER A 48 -17.09 -6.54 27.05
CA SER A 48 -17.41 -6.69 28.45
C SER A 48 -18.72 -7.46 28.58
N CYS A 49 -18.84 -8.24 29.66
CA CYS A 49 -20.09 -8.91 30.01
C CYS A 49 -21.17 -7.94 30.48
N GLN A 50 -20.79 -6.68 30.73
CA GLN A 50 -21.78 -5.67 31.09
C GLN A 50 -22.39 -5.10 29.80
N GLU A 51 -23.73 -5.07 29.77
CA GLU A 51 -24.49 -4.56 28.65
C GLU A 51 -24.11 -3.10 28.44
N GLY A 52 -23.89 -2.73 27.18
CA GLY A 52 -23.53 -1.37 26.80
C GLY A 52 -22.02 -1.14 26.79
N GLU A 53 -21.23 -2.09 27.32
CA GLU A 53 -19.80 -1.88 27.48
C GLU A 53 -18.98 -2.63 26.42
N THR A 54 -19.62 -3.17 25.39
CA THR A 54 -18.93 -3.72 24.23
C THR A 54 -19.11 -2.71 23.10
N LYS A 55 -18.04 -2.00 22.77
CA LYS A 55 -18.16 -0.82 21.93
C LYS A 55 -16.99 -0.75 20.94
N GLU A 56 -17.26 -0.13 19.79
CA GLU A 56 -16.23 0.14 18.81
C GLU A 56 -15.31 1.23 19.36
N LEU A 57 -14.01 0.96 19.45
CA LEU A 57 -13.06 1.94 19.97
C LEU A 57 -12.44 2.73 18.82
N TRP A 58 -12.15 2.09 17.69
CA TRP A 58 -11.77 2.81 16.50
C TRP A 58 -12.00 1.92 15.28
N SER A 59 -12.05 2.58 14.12
CA SER A 59 -12.04 1.91 12.83
C SER A 59 -11.05 2.61 11.92
N SER A 60 -10.48 1.88 10.96
CA SER A 60 -9.63 2.53 9.97
C SER A 60 -9.83 1.88 8.60
N GLY A 61 -9.64 2.70 7.55
CA GLY A 61 -9.98 2.31 6.19
C GLY A 61 -8.77 2.39 5.25
N HIS A 62 -7.60 1.96 5.74
CA HIS A 62 -6.35 2.07 5.01
C HIS A 62 -6.30 1.09 3.84
N HIS A 63 -6.76 -0.16 4.07
CA HIS A 63 -6.97 -1.09 2.96
C HIS A 63 -8.24 -0.72 2.20
N LEU A 64 -8.17 -0.75 0.87
CA LEU A 64 -9.37 -0.53 0.06
C LEU A 64 -9.82 -1.83 -0.61
N LYS A 65 -9.19 -2.97 -0.26
CA LYS A 65 -9.75 -4.28 -0.57
C LYS A 65 -9.74 -5.14 0.68
N ALA A 66 -10.49 -6.25 0.61
CA ALA A 66 -10.70 -7.17 1.73
C ALA A 66 -9.47 -7.29 2.63
N CYS A 67 -9.69 -7.05 3.91
CA CYS A 67 -8.70 -7.37 4.94
C CYS A 67 -8.95 -8.81 5.38
N ARG A 68 -8.02 -9.70 5.05
CA ARG A 68 -8.23 -11.12 5.21
C ARG A 68 -7.76 -11.61 6.59
N ALA A 69 -6.81 -10.91 7.22
CA ALA A 69 -6.35 -11.36 8.53
C ALA A 69 -5.78 -10.19 9.29
N VAL A 70 -5.87 -10.31 10.62
CA VAL A 70 -5.30 -9.34 11.55
C VAL A 70 -4.68 -10.10 12.70
N ALA A 71 -3.66 -9.48 13.32
CA ALA A 71 -3.06 -10.07 14.50
C ALA A 71 -2.46 -8.97 15.37
N PHE A 72 -2.62 -9.09 16.68
CA PHE A 72 -1.97 -8.20 17.62
C PHE A 72 -0.54 -8.65 17.89
N SER A 73 0.39 -7.68 17.97
CA SER A 73 1.74 -7.97 18.43
C SER A 73 1.68 -8.52 19.87
N GLU A 74 2.70 -9.29 20.24
CA GLU A 74 2.76 -9.94 21.55
C GLU A 74 2.77 -8.90 22.67
N ASP A 75 3.41 -7.76 22.44
CA ASP A 75 3.49 -6.71 23.46
C ASP A 75 2.17 -5.93 23.54
N GLY A 76 1.20 -6.24 22.68
CA GLY A 76 -0.12 -5.62 22.76
C GLY A 76 -0.19 -4.23 22.12
N GLN A 77 0.92 -3.77 21.51
CA GLN A 77 1.05 -2.37 21.10
C GLN A 77 0.60 -2.16 19.65
N LYS A 78 0.74 -3.19 18.81
CA LYS A 78 0.47 -3.04 17.39
C LYS A 78 -0.57 -4.05 16.91
N LEU A 79 -1.30 -3.66 15.86
CA LEU A 79 -2.16 -4.55 15.11
C LEU A 79 -1.64 -4.60 13.67
N ILE A 80 -1.35 -5.83 13.20
CA ILE A 80 -0.85 -6.04 11.86
C ILE A 80 -1.99 -6.60 11.01
N THR A 81 -2.13 -6.08 9.79
CA THR A 81 -3.26 -6.42 8.93
C THR A 81 -2.73 -6.74 7.53
N VAL A 82 -3.42 -7.63 6.84
CA VAL A 82 -3.06 -8.00 5.47
C VAL A 82 -4.32 -8.03 4.62
N SER A 83 -4.14 -7.86 3.32
CA SER A 83 -5.26 -7.54 2.46
C SER A 83 -5.11 -8.13 1.06
N LYS A 84 -6.26 -8.23 0.39
CA LYS A 84 -6.32 -8.53 -1.04
C LYS A 84 -5.65 -7.44 -1.88
N ASP A 85 -5.42 -6.25 -1.29
CA ASP A 85 -4.66 -5.18 -1.95
C ASP A 85 -3.16 -5.47 -1.99
N LYS A 86 -2.73 -6.60 -1.41
CA LYS A 86 -1.38 -7.13 -1.52
C LYS A 86 -0.42 -6.40 -0.56
N ALA A 87 -0.99 -5.70 0.41
CA ALA A 87 -0.21 -4.94 1.37
C ALA A 87 -0.28 -5.55 2.79
N ILE A 88 0.77 -5.27 3.56
CA ILE A 88 0.85 -5.53 4.98
C ILE A 88 0.94 -4.16 5.66
N HIS A 89 0.11 -3.94 6.68
CA HIS A 89 0.09 -2.68 7.43
C HIS A 89 0.36 -2.94 8.89
N VAL A 90 1.05 -1.98 9.52
CA VAL A 90 1.27 -1.96 10.95
C VAL A 90 0.50 -0.75 11.50
N LEU A 91 -0.45 -1.02 12.40
CA LEU A 91 -1.28 0.00 13.04
C LEU A 91 -0.99 0.05 14.53
N ASP A 92 -1.20 1.22 15.15
N ASP A 92 -1.20 1.22 15.15
N ASP A 92 -1.20 1.22 15.15
CA ASP A 92 -1.13 1.36 16.60
CA ASP A 92 -1.13 1.36 16.60
CA ASP A 92 -1.10 1.33 16.60
C ASP A 92 -2.47 0.94 17.18
C ASP A 92 -2.47 0.94 17.18
C ASP A 92 -2.46 0.96 17.20
N VAL A 93 -2.43 0.25 18.33
CA VAL A 93 -3.63 -0.28 18.95
C VAL A 93 -4.51 0.82 19.55
N GLU A 94 -3.91 1.93 19.97
CA GLU A 94 -4.66 2.96 20.66
C GLU A 94 -5.70 3.58 19.72
N GLN A 95 -5.28 3.94 18.50
CA GLN A 95 -6.12 4.75 17.62
C GLN A 95 -6.26 4.14 16.22
N GLY A 96 -5.51 3.10 15.90
CA GLY A 96 -5.61 2.51 14.58
C GLY A 96 -4.94 3.36 13.51
N GLN A 97 -3.99 4.22 13.92
CA GLN A 97 -3.22 4.98 12.95
C GLN A 97 -2.22 4.09 12.23
N LEU A 98 -2.03 4.38 10.94
CA LEU A 98 -1.12 3.64 10.09
C LEU A 98 0.30 4.09 10.38
N GLU A 99 1.16 3.17 10.82
CA GLU A 99 2.53 3.48 11.18
C GLU A 99 3.50 2.98 10.12
N ARG A 100 3.12 1.89 9.43
CA ARG A 100 3.97 1.39 8.37
C ARG A 100 3.12 0.69 7.31
N ARG A 101 3.44 1.00 6.05
CA ARG A 101 2.77 0.43 4.90
C ARG A 101 3.77 -0.35 4.04
N VAL A 102 3.56 -1.66 3.94
CA VAL A 102 4.39 -2.49 3.08
C VAL A 102 3.53 -2.98 1.92
N SER A 103 3.53 -2.17 0.84
CA SER A 103 2.76 -2.47 -0.35
C SER A 103 3.53 -3.48 -1.19
N LYS A 104 2.80 -4.16 -2.07
CA LYS A 104 3.42 -5.04 -3.05
C LYS A 104 4.12 -6.19 -2.33
N ALA A 105 3.58 -6.60 -1.18
CA ALA A 105 4.28 -7.54 -0.33
C ALA A 105 4.25 -8.92 -0.98
N HIS A 106 3.13 -9.21 -1.66
CA HIS A 106 3.03 -10.37 -2.53
C HIS A 106 2.53 -9.90 -3.89
N GLY A 107 2.67 -10.80 -4.86
CA GLY A 107 2.17 -10.58 -6.22
C GLY A 107 0.71 -11.04 -6.34
N ALA A 108 0.12 -11.54 -5.25
CA ALA A 108 -1.27 -11.98 -5.25
C ALA A 108 -1.90 -11.54 -3.94
N PRO A 109 -3.26 -11.49 -3.85
CA PRO A 109 -3.96 -11.19 -2.60
C PRO A 109 -3.42 -12.01 -1.43
N ILE A 110 -3.22 -11.34 -0.28
CA ILE A 110 -2.72 -11.98 0.91
C ILE A 110 -3.92 -12.49 1.71
N ASN A 111 -3.85 -13.75 2.12
CA ASN A 111 -4.96 -14.42 2.80
C ASN A 111 -4.69 -14.70 4.27
N SER A 112 -3.41 -14.88 4.64
CA SER A 112 -3.05 -15.48 5.91
C SER A 112 -1.85 -14.75 6.50
N LEU A 113 -1.84 -14.67 7.84
CA LEU A 113 -0.85 -13.90 8.60
C LEU A 113 -0.55 -14.66 9.89
N LEU A 114 0.74 -14.78 10.23
N LEU A 114 0.75 -14.75 10.24
CA LEU A 114 1.15 -15.34 11.51
CA LEU A 114 1.18 -15.34 11.49
C LEU A 114 2.40 -14.62 12.02
C LEU A 114 2.41 -14.61 12.01
N LEU A 115 2.32 -14.14 13.25
CA LEU A 115 3.43 -13.47 13.90
C LEU A 115 4.33 -14.52 14.53
N VAL A 116 5.64 -14.39 14.33
CA VAL A 116 6.59 -15.38 14.79
C VAL A 116 7.23 -14.91 16.10
N ASP A 117 7.80 -13.71 16.08
CA ASP A 117 8.39 -13.08 17.26
C ASP A 117 8.22 -11.58 17.09
N GLU A 118 8.89 -10.75 17.90
CA GLU A 118 8.58 -9.34 17.93
C GLU A 118 9.04 -8.64 16.64
N ASN A 119 9.89 -9.30 15.83
CA ASN A 119 10.42 -8.68 14.62
C ASN A 119 10.04 -9.43 13.35
N VAL A 120 9.41 -10.62 13.47
CA VAL A 120 9.27 -11.53 12.34
C VAL A 120 7.81 -11.97 12.21
N LEU A 121 7.35 -12.02 10.96
CA LEU A 121 6.05 -12.58 10.66
C LEU A 121 6.07 -13.27 9.29
N ALA A 122 5.04 -14.10 9.08
CA ALA A 122 4.87 -14.81 7.82
C ALA A 122 3.52 -14.45 7.21
N THR A 123 3.49 -14.41 5.87
CA THR A 123 2.28 -14.15 5.13
C THR A 123 2.13 -15.22 4.05
N GLY A 124 0.87 -15.53 3.73
CA GLY A 124 0.55 -16.49 2.68
C GLY A 124 -0.53 -15.92 1.75
N ASP A 125 -0.39 -16.18 0.45
CA ASP A 125 -1.22 -15.52 -0.54
C ASP A 125 -2.13 -16.52 -1.25
N ASP A 126 -2.99 -15.98 -2.11
CA ASP A 126 -4.06 -16.75 -2.74
C ASP A 126 -3.53 -17.73 -3.77
N THR A 127 -2.26 -17.61 -4.20
CA THR A 127 -1.72 -18.55 -5.18
C THR A 127 -0.79 -19.58 -4.52
N GLY A 128 -0.64 -19.50 -3.18
CA GLY A 128 0.14 -20.47 -2.42
C GLY A 128 1.51 -19.92 -2.00
N GLY A 129 1.81 -18.67 -2.35
CA GLY A 129 3.09 -18.08 -2.02
C GLY A 129 3.21 -17.78 -0.53
N ILE A 130 4.37 -18.15 0.04
CA ILE A 130 4.68 -17.94 1.44
C ILE A 130 5.89 -17.01 1.55
N ARG A 131 5.78 -15.97 2.38
CA ARG A 131 6.91 -15.08 2.61
C ARG A 131 7.10 -14.93 4.12
N LEU A 132 8.36 -14.77 4.49
CA LEU A 132 8.77 -14.44 5.85
C LEU A 132 9.42 -13.07 5.81
N TRP A 133 9.22 -12.31 6.90
CA TRP A 133 9.62 -10.91 6.96
C TRP A 133 10.23 -10.61 8.31
N ASP A 134 11.33 -9.84 8.28
CA ASP A 134 11.82 -9.17 9.49
C ASP A 134 11.66 -7.67 9.30
N GLN A 135 10.98 -7.00 10.26
CA GLN A 135 10.67 -5.59 10.07
C GLN A 135 11.95 -4.75 9.96
N ARG A 136 13.10 -5.29 10.38
CA ARG A 136 14.33 -4.53 10.39
C ARG A 136 15.11 -4.67 9.09
N LYS A 137 14.65 -5.52 8.16
CA LYS A 137 15.38 -5.78 6.92
C LYS A 137 14.46 -5.58 5.72
N GLU A 138 14.99 -5.01 4.65
CA GLU A 138 14.19 -4.69 3.47
C GLU A 138 13.96 -5.96 2.66
N GLY A 139 12.73 -6.17 2.19
CA GLY A 139 12.45 -7.31 1.33
C GLY A 139 12.23 -8.57 2.15
N PRO A 140 11.60 -9.62 1.57
CA PRO A 140 11.28 -10.81 2.33
C PRO A 140 12.55 -11.63 2.59
N LEU A 141 12.57 -12.31 3.74
CA LEU A 141 13.64 -13.23 4.10
C LEU A 141 13.56 -14.51 3.25
N MET A 142 12.36 -14.82 2.80
CA MET A 142 12.09 -16.09 2.15
C MET A 142 10.88 -15.91 1.24
N ASP A 143 10.92 -16.57 0.09
CA ASP A 143 9.84 -16.54 -0.89
C ASP A 143 9.67 -17.94 -1.45
N MET A 144 8.59 -18.62 -1.04
CA MET A 144 8.44 -20.04 -1.28
C MET A 144 7.12 -20.27 -1.98
N ARG A 145 7.17 -20.95 -3.13
CA ARG A 145 5.99 -21.10 -3.95
C ARG A 145 5.70 -22.57 -4.22
N GLN A 146 6.08 -23.46 -3.30
CA GLN A 146 5.83 -24.89 -3.50
C GLN A 146 4.33 -25.18 -3.48
N HIS A 147 3.55 -24.44 -2.68
CA HIS A 147 2.12 -24.69 -2.66
C HIS A 147 1.50 -24.25 -3.99
N GLU A 148 0.40 -24.90 -4.39
CA GLU A 148 -0.19 -24.67 -5.70
C GLU A 148 -1.54 -23.97 -5.61
N GLU A 149 -2.04 -23.75 -4.39
CA GLU A 149 -3.32 -23.10 -4.18
C GLU A 149 -3.19 -22.23 -2.93
N TYR A 150 -4.23 -21.45 -2.63
CA TYR A 150 -4.18 -20.44 -1.58
C TYR A 150 -3.70 -21.02 -0.23
N ILE A 151 -3.00 -20.16 0.52
CA ILE A 151 -2.68 -20.43 1.90
C ILE A 151 -3.88 -20.09 2.77
N ALA A 152 -4.44 -21.12 3.40
CA ALA A 152 -5.66 -20.98 4.19
C ALA A 152 -5.34 -20.55 5.62
N ASP A 153 -4.23 -21.03 6.16
CA ASP A 153 -3.94 -20.89 7.57
C ASP A 153 -2.49 -21.31 7.83
N MET A 154 -1.92 -20.84 8.93
CA MET A 154 -0.57 -21.17 9.31
C MET A 154 -0.49 -21.37 10.83
N ALA A 155 0.51 -22.15 11.25
CA ALA A 155 0.78 -22.41 12.65
C ALA A 155 2.29 -22.43 12.87
N LEU A 156 2.67 -22.21 14.13
CA LEU A 156 4.05 -22.00 14.51
C LEU A 156 4.48 -23.09 15.50
N ASP A 157 5.61 -23.72 15.18
CA ASP A 157 6.35 -24.54 16.11
C ASP A 157 6.56 -23.81 17.43
N PRO A 158 6.27 -24.44 18.59
CA PRO A 158 6.59 -23.81 19.88
C PRO A 158 8.05 -23.40 19.99
N ALA A 159 8.96 -24.16 19.34
CA ALA A 159 10.38 -23.85 19.34
C ALA A 159 10.70 -22.80 18.28
N LYS A 160 9.72 -22.45 17.44
CA LYS A 160 9.80 -21.35 16.49
C LYS A 160 10.76 -21.70 15.35
N LYS A 161 10.97 -23.00 15.13
CA LYS A 161 11.83 -23.46 14.07
C LYS A 161 11.02 -23.64 12.79
N LEU A 162 9.85 -24.28 12.93
CA LEU A 162 9.04 -24.69 11.78
C LEU A 162 7.78 -23.84 11.67
N LEU A 163 7.50 -23.42 10.44
CA LEU A 163 6.22 -22.87 10.04
C LEU A 163 5.43 -23.96 9.31
N LEU A 164 4.20 -24.19 9.78
CA LEU A 164 3.28 -25.15 9.19
C LEU A 164 2.18 -24.38 8.43
N THR A 165 1.85 -24.87 7.23
CA THR A 165 0.92 -24.19 6.34
C THR A 165 -0.18 -25.15 5.90
N ALA A 166 -1.43 -24.66 5.90
CA ALA A 166 -2.54 -25.38 5.31
C ALA A 166 -2.96 -24.70 4.01
N SER A 167 -3.10 -25.49 2.94
CA SER A 167 -3.36 -24.97 1.61
C SER A 167 -4.56 -25.63 0.96
N GLY A 168 -5.19 -24.87 0.07
CA GLY A 168 -6.24 -25.36 -0.79
C GLY A 168 -5.75 -26.38 -1.80
N ASP A 169 -4.44 -26.66 -1.83
CA ASP A 169 -3.92 -27.74 -2.67
C ASP A 169 -4.01 -29.07 -1.93
N GLY A 170 -4.51 -29.06 -0.69
CA GLY A 170 -4.76 -30.29 0.05
C GLY A 170 -3.56 -30.76 0.87
N CYS A 171 -2.50 -29.94 0.91
CA CYS A 171 -1.24 -30.28 1.55
C CYS A 171 -0.99 -29.44 2.80
N LEU A 172 -0.37 -30.10 3.78
CA LEU A 172 0.31 -29.44 4.87
C LEU A 172 1.75 -29.18 4.44
N GLY A 173 2.16 -27.91 4.53
CA GLY A 173 3.52 -27.53 4.20
C GLY A 173 4.35 -27.31 5.47
N ILE A 174 5.65 -27.57 5.34
CA ILE A 174 6.60 -27.37 6.43
C ILE A 174 7.76 -26.55 5.90
N PHE A 175 8.01 -25.42 6.56
CA PHE A 175 9.10 -24.52 6.23
C PHE A 175 9.96 -24.32 7.45
N ASN A 176 11.28 -24.33 7.24
CA ASN A 176 12.22 -24.06 8.30
C ASN A 176 12.48 -22.57 8.33
N ILE A 177 11.95 -21.92 9.35
CA ILE A 177 12.05 -20.48 9.52
C ILE A 177 13.50 -20.05 9.71
N LYS A 178 14.23 -20.82 10.52
CA LYS A 178 15.59 -20.49 10.90
C LYS A 178 16.51 -20.59 9.69
N ARG A 179 16.20 -21.53 8.78
CA ARG A 179 17.05 -21.75 7.62
C ARG A 179 16.44 -21.17 6.34
N ARG A 180 15.29 -20.49 6.49
CA ARG A 180 14.61 -19.85 5.38
C ARG A 180 14.44 -20.86 4.25
N ARG A 181 13.91 -22.05 4.55
CA ARG A 181 13.88 -23.06 3.51
C ARG A 181 12.66 -23.96 3.58
N PHE A 182 12.37 -24.55 2.43
CA PHE A 182 11.29 -25.50 2.28
C PHE A 182 11.79 -26.84 2.77
N GLU A 183 10.96 -27.51 3.58
CA GLU A 183 11.25 -28.86 4.04
C GLU A 183 10.45 -29.84 3.21
N LEU A 184 9.11 -29.71 3.24
CA LEU A 184 8.26 -30.65 2.51
C LEU A 184 6.81 -30.16 2.45
N LEU A 185 6.08 -30.77 1.52
CA LEU A 185 4.63 -30.83 1.52
C LEU A 185 4.21 -32.24 1.87
N SER A 186 3.18 -32.36 2.72
CA SER A 186 2.52 -33.64 2.98
C SER A 186 2.00 -34.23 1.67
N GLU A 187 1.75 -35.54 1.69
CA GLU A 187 0.78 -36.13 0.77
C GLU A 187 -0.45 -35.23 0.71
N PRO A 188 -1.00 -34.98 -0.49
CA PRO A 188 -2.20 -34.17 -0.64
C PRO A 188 -3.43 -34.95 -0.19
N GLN A 189 -4.35 -34.22 0.46
CA GLN A 189 -5.61 -34.77 0.94
C GLN A 189 -6.73 -34.39 -0.02
N SER A 190 -7.85 -35.11 0.06
CA SER A 190 -8.97 -34.95 -0.85
C SER A 190 -9.65 -33.61 -0.61
N GLY A 191 -9.76 -33.20 0.67
CA GLY A 191 -10.31 -31.89 1.00
C GLY A 191 -9.21 -30.83 1.00
N ASP A 192 -9.58 -29.58 0.69
CA ASP A 192 -8.73 -28.43 0.89
C ASP A 192 -8.46 -28.30 2.39
N LEU A 193 -7.20 -28.02 2.76
CA LEU A 193 -6.90 -27.82 4.17
C LEU A 193 -7.11 -26.34 4.49
N THR A 194 -8.04 -26.08 5.40
CA THR A 194 -8.54 -24.75 5.68
C THR A 194 -7.90 -24.18 6.94
N SER A 195 -7.23 -25.04 7.71
CA SER A 195 -6.95 -24.73 9.12
C SER A 195 -5.85 -25.67 9.59
N VAL A 196 -4.98 -25.16 10.47
CA VAL A 196 -3.93 -25.98 11.03
C VAL A 196 -3.65 -25.49 12.46
N THR A 197 -3.57 -26.44 13.39
CA THR A 197 -3.21 -26.06 14.74
C THR A 197 -2.51 -27.24 15.42
N LEU A 198 -1.64 -26.89 16.36
CA LEU A 198 -0.88 -27.87 17.11
C LEU A 198 -1.71 -28.31 18.30
N MET A 199 -1.75 -29.61 18.54
CA MET A 199 -2.47 -30.18 19.68
C MET A 199 -1.54 -31.15 20.41
N LYS A 200 -1.99 -31.55 21.60
CA LYS A 200 -1.35 -32.56 22.43
C LYS A 200 0.10 -32.16 22.71
N TRP A 201 0.26 -30.99 23.34
CA TRP A 201 1.56 -30.47 23.72
C TRP A 201 2.51 -30.53 22.53
N GLY A 202 2.03 -30.11 21.35
CA GLY A 202 2.87 -29.99 20.19
C GLY A 202 3.22 -31.32 19.51
N LYS A 203 2.58 -32.42 19.93
CA LYS A 203 2.93 -33.73 19.39
C LYS A 203 2.03 -34.11 18.19
N LYS A 204 0.93 -33.39 17.99
CA LYS A 204 0.01 -33.66 16.90
C LYS A 204 -0.31 -32.38 16.14
N VAL A 205 -0.43 -32.52 14.82
CA VAL A 205 -0.92 -31.45 13.98
C VAL A 205 -2.33 -31.80 13.54
N ALA A 206 -3.27 -30.89 13.77
CA ALA A 206 -4.66 -31.09 13.37
C ALA A 206 -5.01 -30.12 12.24
N CYS A 207 -5.53 -30.65 11.13
CA CYS A 207 -5.93 -29.83 9.99
C CYS A 207 -7.39 -30.06 9.62
N GLY A 208 -8.19 -28.98 9.54
CA GLY A 208 -9.57 -29.10 9.12
C GLY A 208 -9.68 -29.03 7.61
N SER A 209 -10.67 -29.71 7.02
CA SER A 209 -10.78 -29.77 5.57
C SER A 209 -12.16 -29.27 5.10
N SER A 210 -12.18 -28.91 3.81
CA SER A 210 -13.37 -28.42 3.15
C SER A 210 -14.41 -29.52 2.98
N GLU A 211 -14.09 -30.77 3.31
CA GLU A 211 -15.07 -31.86 3.28
C GLU A 211 -15.56 -32.19 4.69
N GLY A 212 -15.10 -31.49 5.72
CA GLY A 212 -15.59 -31.70 7.07
C GLY A 212 -14.81 -32.81 7.80
N THR A 213 -13.58 -33.07 7.37
CA THR A 213 -12.70 -34.02 8.04
C THR A 213 -11.62 -33.25 8.81
N ILE A 214 -11.19 -33.83 9.95
CA ILE A 214 -10.00 -33.40 10.64
C ILE A 214 -8.92 -34.45 10.41
N TYR A 215 -7.77 -34.01 9.89
CA TYR A 215 -6.65 -34.88 9.66
C TYR A 215 -5.65 -34.65 10.78
N LEU A 216 -5.02 -35.73 11.26
CA LEU A 216 -3.96 -35.63 12.24
C LEU A 216 -2.65 -36.06 11.62
N PHE A 217 -1.59 -35.31 11.95
CA PHE A 217 -0.23 -35.71 11.63
C PHE A 217 0.56 -35.74 12.93
N ASN A 218 1.46 -36.73 13.03
CA ASN A 218 2.46 -36.75 14.09
C ASN A 218 3.48 -35.64 13.87
N TRP A 219 3.90 -34.99 14.95
CA TRP A 219 5.05 -34.11 14.90
C TRP A 219 6.26 -34.85 14.36
N ASN A 220 6.97 -34.25 13.40
CA ASN A 220 8.13 -34.83 12.73
C ASN A 220 7.74 -36.08 11.93
N GLY A 221 6.44 -36.21 11.64
CA GLY A 221 5.95 -37.17 10.67
C GLY A 221 4.96 -36.47 9.75
N PHE A 222 5.43 -35.38 9.14
CA PHE A 222 4.57 -34.44 8.44
C PHE A 222 4.21 -34.92 7.03
N GLY A 223 4.84 -36.02 6.60
CA GLY A 223 4.71 -36.51 5.23
C GLY A 223 3.34 -37.09 4.91
N ALA A 224 2.66 -37.64 5.93
CA ALA A 224 1.40 -38.36 5.74
C ALA A 224 0.60 -38.37 7.04
N THR A 225 -0.73 -38.47 6.94
CA THR A 225 -1.58 -38.42 8.11
C THR A 225 -1.38 -39.67 8.98
N SER A 226 -1.49 -39.49 10.31
CA SER A 226 -1.49 -40.59 11.25
C SER A 226 -2.93 -41.01 11.59
N ASP A 227 -3.91 -40.16 11.30
CA ASP A 227 -5.29 -40.42 11.67
C ASP A 227 -6.19 -39.40 10.94
N ARG A 228 -7.47 -39.74 10.86
CA ARG A 228 -8.47 -38.80 10.40
C ARG A 228 -9.80 -39.19 11.03
N PHE A 229 -10.70 -38.22 11.15
CA PHE A 229 -12.08 -38.54 11.47
C PHE A 229 -12.97 -37.43 10.91
N ALA A 230 -14.24 -37.76 10.71
CA ALA A 230 -15.17 -36.84 10.07
C ALA A 230 -16.10 -36.23 11.11
N LEU A 231 -16.44 -34.95 10.95
CA LEU A 231 -17.60 -34.38 11.64
C LEU A 231 -18.84 -34.67 10.80
N ARG A 232 -20.01 -34.54 11.43
CA ARG A 232 -21.28 -34.56 10.71
C ARG A 232 -21.51 -33.15 10.14
N ALA A 233 -20.59 -32.71 9.28
CA ALA A 233 -20.67 -31.37 8.70
C ALA A 233 -20.00 -31.41 7.33
N GLU A 234 -20.45 -30.53 6.43
CA GLU A 234 -19.96 -30.52 5.06
C GLU A 234 -18.58 -29.89 4.98
N SER A 235 -18.24 -28.99 5.92
CA SER A 235 -16.95 -28.33 5.88
C SER A 235 -16.46 -27.98 7.28
N ILE A 236 -15.15 -27.78 7.40
CA ILE A 236 -14.54 -27.04 8.48
C ILE A 236 -13.72 -25.95 7.81
N ASP A 237 -13.96 -24.70 8.19
CA ASP A 237 -13.40 -23.55 7.51
C ASP A 237 -12.48 -22.75 8.43
N CYS A 238 -12.51 -23.08 9.71
CA CYS A 238 -11.71 -22.39 10.70
C CYS A 238 -11.70 -23.25 11.96
N MET A 239 -10.59 -23.22 12.69
CA MET A 239 -10.43 -23.91 13.96
C MET A 239 -9.52 -23.09 14.88
N VAL A 240 -9.75 -23.24 16.18
N VAL A 240 -9.75 -23.24 16.19
CA VAL A 240 -8.89 -22.66 17.20
CA VAL A 240 -8.90 -22.65 17.21
C VAL A 240 -8.78 -23.65 18.36
C VAL A 240 -8.79 -23.65 18.36
N PRO A 241 -7.57 -23.87 18.92
CA PRO A 241 -7.43 -24.75 20.09
C PRO A 241 -7.92 -24.04 21.36
N VAL A 242 -8.58 -24.79 22.25
CA VAL A 242 -9.01 -24.28 23.55
C VAL A 242 -8.13 -24.88 24.67
N THR A 243 -7.89 -26.19 24.60
CA THR A 243 -6.94 -26.85 25.48
C THR A 243 -5.97 -27.64 24.61
N GLU A 244 -5.11 -28.43 25.23
CA GLU A 244 -4.21 -29.30 24.49
C GLU A 244 -4.97 -30.42 23.77
N SER A 245 -6.22 -30.70 24.17
CA SER A 245 -7.00 -31.78 23.58
C SER A 245 -8.26 -31.27 22.87
N LEU A 246 -8.73 -30.08 23.23
CA LEU A 246 -10.02 -29.58 22.75
C LEU A 246 -9.77 -28.39 21.83
N LEU A 247 -10.45 -28.42 20.68
CA LEU A 247 -10.46 -27.32 19.74
C LEU A 247 -11.90 -27.04 19.31
N CYS A 248 -12.13 -25.85 18.76
CA CYS A 248 -13.43 -25.53 18.19
C CYS A 248 -13.29 -25.35 16.69
N THR A 249 -14.36 -25.73 15.97
CA THR A 249 -14.44 -25.65 14.52
C THR A 249 -15.61 -24.76 14.15
N GLY A 250 -15.48 -24.09 12.99
CA GLY A 250 -16.60 -23.42 12.35
C GLY A 250 -16.79 -23.96 10.94
N SER A 251 -18.06 -24.00 10.50
CA SER A 251 -18.45 -24.70 9.29
C SER A 251 -19.42 -23.84 8.49
N THR A 252 -19.64 -24.21 7.22
CA THR A 252 -20.53 -23.46 6.35
C THR A 252 -21.98 -23.56 6.84
N ASP A 253 -22.32 -24.56 7.67
CA ASP A 253 -23.66 -24.69 8.23
C ASP A 253 -23.88 -23.70 9.38
N GLY A 254 -22.85 -22.96 9.79
CA GLY A 254 -23.01 -21.93 10.80
C GLY A 254 -22.79 -22.42 12.23
N VAL A 255 -22.57 -23.72 12.40
CA VAL A 255 -22.44 -24.30 13.72
C VAL A 255 -20.95 -24.29 14.12
N ILE A 256 -20.72 -23.89 15.36
CA ILE A 256 -19.43 -24.00 16.00
C ILE A 256 -19.43 -25.27 16.86
N ARG A 257 -18.42 -26.12 16.65
CA ARG A 257 -18.38 -27.42 17.29
C ARG A 257 -17.15 -27.53 18.19
N ALA A 258 -17.36 -28.14 19.36
CA ALA A 258 -16.27 -28.46 20.25
C ALA A 258 -15.84 -29.89 19.95
N VAL A 259 -14.54 -30.05 19.65
CA VAL A 259 -14.03 -31.32 19.19
C VAL A 259 -12.82 -31.70 20.04
N ASN A 260 -12.84 -32.93 20.55
CA ASN A 260 -11.75 -33.45 21.34
C ASN A 260 -10.84 -34.22 20.39
N ILE A 261 -9.53 -34.20 20.67
CA ILE A 261 -8.57 -34.91 19.87
C ILE A 261 -7.95 -36.00 20.72
N LEU A 262 -8.02 -37.25 20.24
CA LEU A 262 -7.35 -38.42 20.79
C LEU A 262 -7.60 -38.53 22.30
N PRO A 263 -8.79 -38.97 22.74
CA PRO A 263 -9.79 -39.57 21.85
C PRO A 263 -10.54 -38.56 21.00
N ASN A 264 -10.69 -38.90 19.71
CA ASN A 264 -11.34 -38.03 18.76
C ASN A 264 -12.85 -38.10 18.97
N ARG A 265 -13.46 -37.04 19.49
CA ARG A 265 -14.91 -37.05 19.70
C ARG A 265 -15.43 -35.64 19.47
N VAL A 266 -16.58 -35.53 18.82
CA VAL A 266 -17.36 -34.31 18.85
C VAL A 266 -17.98 -34.24 20.24
N VAL A 267 -17.61 -33.21 21.01
CA VAL A 267 -18.15 -33.01 22.34
C VAL A 267 -19.57 -32.48 22.23
N GLY A 268 -19.76 -31.48 21.37
CA GLY A 268 -21.09 -30.95 21.10
C GLY A 268 -21.01 -29.61 20.39
N SER A 269 -22.17 -28.97 20.21
CA SER A 269 -22.26 -27.66 19.59
C SER A 269 -22.05 -26.58 20.66
N VAL A 270 -21.16 -25.64 20.36
CA VAL A 270 -20.96 -24.47 21.21
C VAL A 270 -22.08 -23.47 20.95
N GLY A 271 -22.44 -23.31 19.68
CA GLY A 271 -23.42 -22.32 19.28
C GLY A 271 -23.44 -22.19 17.76
N GLN A 272 -24.15 -21.18 17.25
CA GLN A 272 -24.26 -21.05 15.80
C GLN A 272 -24.56 -19.60 15.39
N HIS A 273 -24.19 -19.31 14.13
CA HIS A 273 -24.70 -18.17 13.39
C HIS A 273 -25.75 -18.75 12.46
N THR A 274 -27.02 -18.74 12.89
CA THR A 274 -28.06 -19.54 12.26
C THR A 274 -28.00 -19.43 10.73
N GLY A 275 -27.65 -20.55 10.07
CA GLY A 275 -27.77 -20.65 8.63
C GLY A 275 -26.76 -19.78 7.89
N GLU A 276 -25.68 -19.37 8.57
CA GLU A 276 -24.69 -18.50 7.96
C GLU A 276 -23.31 -19.07 8.22
N PRO A 277 -22.45 -19.24 7.18
CA PRO A 277 -21.09 -19.74 7.40
C PRO A 277 -20.26 -19.04 8.51
N VAL A 278 -19.52 -19.84 9.28
CA VAL A 278 -18.56 -19.32 10.24
C VAL A 278 -17.23 -19.12 9.53
N GLU A 279 -16.75 -17.87 9.53
CA GLU A 279 -15.59 -17.46 8.75
C GLU A 279 -14.31 -17.56 9.57
N GLU A 280 -14.35 -17.17 10.85
CA GLU A 280 -13.16 -17.17 11.67
C GLU A 280 -13.54 -17.32 13.14
N LEU A 281 -12.59 -17.88 13.90
CA LEU A 281 -12.67 -17.98 15.35
C LEU A 281 -11.42 -17.38 15.98
N ALA A 282 -11.55 -17.02 17.27
CA ALA A 282 -10.43 -16.55 18.08
C ALA A 282 -10.74 -16.81 19.55
N LEU A 283 -9.70 -16.92 20.39
CA LEU A 283 -9.90 -17.14 21.80
C LEU A 283 -9.27 -16.00 22.61
N SER A 284 -9.98 -15.54 23.66
CA SER A 284 -9.57 -14.42 24.50
C SER A 284 -8.28 -14.72 25.25
N HIS A 285 -7.54 -13.67 25.64
CA HIS A 285 -6.28 -13.88 26.31
C HIS A 285 -6.49 -14.66 27.62
N CYS A 286 -7.65 -14.42 28.28
CA CYS A 286 -7.97 -15.03 29.55
C CYS A 286 -8.50 -16.45 29.37
N GLY A 287 -8.80 -16.85 28.13
CA GLY A 287 -9.28 -18.20 27.87
C GLY A 287 -10.79 -18.34 28.06
N ARG A 288 -11.46 -17.32 28.58
CA ARG A 288 -12.88 -17.45 28.93
C ARG A 288 -13.78 -17.39 27.71
N PHE A 289 -13.42 -16.61 26.66
CA PHE A 289 -14.34 -16.34 25.57
C PHE A 289 -13.78 -16.77 24.22
N LEU A 290 -14.59 -17.55 23.50
CA LEU A 290 -14.44 -17.77 22.08
C LEU A 290 -15.23 -16.70 21.34
N ALA A 291 -14.63 -16.11 20.32
CA ALA A 291 -15.33 -15.23 19.39
C ALA A 291 -15.43 -15.92 18.03
N SER A 292 -16.57 -15.72 17.37
CA SER A 292 -16.79 -16.24 16.04
C SER A 292 -17.28 -15.10 15.16
N SER A 293 -16.82 -15.10 13.90
CA SER A 293 -17.26 -14.17 12.87
C SER A 293 -17.98 -14.92 11.77
N GLY A 294 -19.22 -14.50 11.48
CA GLY A 294 -20.07 -15.19 10.53
C GLY A 294 -20.53 -14.29 9.39
N HIS A 295 -21.12 -14.93 8.36
CA HIS A 295 -21.63 -14.25 7.19
C HIS A 295 -22.95 -13.53 7.51
N ASP A 296 -23.46 -13.72 8.75
CA ASP A 296 -24.52 -12.89 9.30
C ASP A 296 -23.99 -11.53 9.76
N GLN A 297 -22.69 -11.26 9.56
CA GLN A 297 -22.09 -9.99 9.94
C GLN A 297 -22.17 -9.78 11.44
N ARG A 298 -22.06 -10.87 12.20
CA ARG A 298 -21.99 -10.79 13.65
C ARG A 298 -20.68 -11.38 14.14
N LEU A 299 -20.13 -10.71 15.16
CA LEU A 299 -19.14 -11.30 16.04
C LEU A 299 -19.86 -11.75 17.30
N LYS A 300 -19.75 -13.04 17.60
CA LYS A 300 -20.47 -13.65 18.70
C LYS A 300 -19.45 -14.21 19.70
N PHE A 301 -19.81 -14.11 20.98
CA PHE A 301 -18.98 -14.54 22.08
C PHE A 301 -19.58 -15.77 22.75
N TRP A 302 -18.71 -16.72 23.11
CA TRP A 302 -19.14 -17.97 23.71
C TRP A 302 -18.29 -18.26 24.94
N ASP A 303 -18.97 -18.67 26.02
CA ASP A 303 -18.33 -18.96 27.29
C ASP A 303 -17.68 -20.33 27.22
N MET A 304 -16.36 -20.38 27.44
CA MET A 304 -15.61 -21.62 27.37
C MET A 304 -15.53 -22.33 28.73
N ALA A 305 -16.09 -21.73 29.79
CA ALA A 305 -15.95 -22.30 31.13
C ALA A 305 -16.55 -23.70 31.22
N GLN A 306 -17.77 -23.88 30.68
CA GLN A 306 -18.45 -25.16 30.78
C GLN A 306 -17.58 -26.24 30.14
N LEU A 307 -16.95 -25.92 29.00
CA LEU A 307 -16.07 -26.85 28.33
C LEU A 307 -14.84 -27.16 29.18
N ARG A 308 -14.10 -26.11 29.57
CA ARG A 308 -12.80 -26.26 30.23
C ARG A 308 -12.93 -27.06 31.52
N ALA A 309 -14.10 -26.97 32.19
CA ALA A 309 -14.43 -27.81 33.32
C ALA A 309 -14.54 -29.28 32.89
N VAL A 310 -15.55 -29.58 32.06
CA VAL A 310 -15.83 -30.92 31.55
C VAL A 310 -14.57 -31.56 30.96
N VAL A 311 -13.74 -30.75 30.26
CA VAL A 311 -12.59 -31.24 29.51
C VAL A 311 -11.53 -31.83 30.45
N VAL A 312 -10.81 -32.87 29.97
CA VAL A 312 -9.70 -33.49 30.70
C VAL A 312 -8.63 -33.90 29.68
N ASP A 313 -7.36 -33.90 30.11
CA ASP A 313 -6.23 -34.36 29.30
C ASP A 313 -6.70 -35.36 28.23
N ARG B 7 23.81 -6.11 -26.51
CA ARG B 7 23.24 -5.31 -27.62
C ARG B 7 22.85 -3.92 -27.10
N ILE B 8 23.44 -2.88 -27.72
CA ILE B 8 23.25 -1.51 -27.27
C ILE B 8 22.12 -0.88 -28.08
N ARG B 9 21.05 -0.47 -27.40
CA ARG B 9 19.88 0.13 -28.03
C ARG B 9 20.02 1.66 -28.05
N ASP B 10 19.09 2.34 -28.73
CA ASP B 10 19.10 3.80 -28.82
C ASP B 10 18.59 4.43 -27.52
N THR B 11 17.65 3.75 -26.85
CA THR B 11 17.14 4.22 -25.56
C THR B 11 17.19 3.07 -24.57
N PRO B 12 17.23 3.38 -23.25
CA PRO B 12 17.01 2.35 -22.23
C PRO B 12 15.68 1.60 -22.46
N GLU B 13 15.65 0.34 -22.04
CA GLU B 13 14.45 -0.49 -22.08
C GLU B 13 13.39 0.10 -21.15
N ASP B 14 12.11 -0.19 -21.45
CA ASP B 14 11.01 0.16 -20.56
C ASP B 14 11.27 -0.41 -19.17
N ILE B 15 10.84 0.33 -18.15
CA ILE B 15 10.80 -0.15 -16.79
C ILE B 15 9.36 -0.48 -16.46
N VAL B 16 9.14 -1.73 -16.01
CA VAL B 16 7.82 -2.23 -15.73
C VAL B 16 7.58 -2.11 -14.23
N LEU B 17 6.48 -1.46 -13.84
CA LEU B 17 6.21 -1.16 -12.43
C LEU B 17 5.02 -1.98 -11.98
N GLU B 18 4.91 -2.18 -10.67
CA GLU B 18 3.76 -2.88 -10.11
C GLU B 18 2.63 -1.91 -9.79
N ALA B 19 2.89 -0.59 -9.88
CA ALA B 19 1.87 0.42 -9.68
C ALA B 19 2.19 1.66 -10.50
N PRO B 20 1.17 2.42 -10.99
CA PRO B 20 1.42 3.62 -11.77
C PRO B 20 2.07 4.72 -10.94
N ALA B 21 2.95 5.50 -11.59
CA ALA B 21 3.75 6.53 -10.92
C ALA B 21 3.41 7.94 -11.43
N SER B 22 3.04 8.85 -10.52
CA SER B 22 2.85 10.27 -10.83
C SER B 22 4.15 11.05 -10.62
N GLY B 23 5.03 10.56 -9.74
CA GLY B 23 6.29 11.22 -9.47
C GLY B 23 7.39 10.63 -10.34
N LEU B 24 8.20 11.53 -10.90
CA LEU B 24 9.24 11.16 -11.86
C LEU B 24 10.27 12.29 -11.97
N ALA B 25 11.58 11.95 -11.92
CA ALA B 25 12.62 12.94 -12.07
C ALA B 25 13.94 12.23 -12.38
N PHE B 26 14.73 12.88 -13.24
CA PHE B 26 16.09 12.46 -13.56
C PHE B 26 17.10 13.12 -12.61
N HIS B 27 18.15 12.36 -12.28
CA HIS B 27 19.29 12.84 -11.53
C HIS B 27 20.05 13.84 -12.40
N PRO B 28 20.63 14.91 -11.81
CA PRO B 28 21.28 15.95 -12.62
C PRO B 28 22.69 15.68 -13.17
N ALA B 29 23.29 14.54 -12.83
CA ALA B 29 24.66 14.26 -13.26
C ALA B 29 24.86 12.78 -13.57
N ARG B 30 23.91 11.93 -13.14
CA ARG B 30 24.09 10.49 -13.19
C ARG B 30 22.92 9.86 -13.93
N ASP B 31 23.10 8.61 -14.36
CA ASP B 31 22.08 7.90 -15.11
C ASP B 31 21.14 7.21 -14.13
N LEU B 32 20.49 8.02 -13.29
CA LEU B 32 19.50 7.54 -12.33
C LEU B 32 18.15 8.18 -12.65
N LEU B 33 17.08 7.39 -12.52
CA LEU B 33 15.71 7.87 -12.69
C LEU B 33 14.91 7.49 -11.46
N ALA B 34 14.22 8.47 -10.87
CA ALA B 34 13.39 8.23 -9.70
C ALA B 34 11.92 8.25 -10.09
N ALA B 35 11.13 7.44 -9.38
CA ALA B 35 9.69 7.45 -9.54
C ALA B 35 9.03 7.32 -8.18
N GLY B 36 7.84 7.95 -8.07
CA GLY B 36 6.97 7.86 -6.92
C GLY B 36 5.59 7.42 -7.37
N ASP B 37 5.01 6.45 -6.65
CA ASP B 37 3.89 5.68 -7.16
C ASP B 37 2.66 5.90 -6.28
N VAL B 38 1.52 5.45 -6.80
CA VAL B 38 0.23 5.68 -6.21
C VAL B 38 0.09 4.95 -4.87
N ASP B 39 0.91 3.92 -4.61
CA ASP B 39 0.89 3.26 -3.31
C ASP B 39 1.61 4.11 -2.26
N GLY B 40 2.61 4.89 -2.69
CA GLY B 40 3.46 5.61 -1.76
C GLY B 40 4.94 5.28 -1.91
N ASP B 41 5.25 4.24 -2.70
CA ASP B 41 6.63 3.80 -2.84
C ASP B 41 7.43 4.71 -3.77
N VAL B 42 8.73 4.79 -3.46
CA VAL B 42 9.71 5.54 -4.22
C VAL B 42 10.79 4.56 -4.69
N PHE B 43 11.19 4.70 -5.96
CA PHE B 43 12.18 3.84 -6.57
C PHE B 43 13.22 4.70 -7.29
N VAL B 44 14.49 4.29 -7.23
CA VAL B 44 15.53 4.89 -8.03
C VAL B 44 16.12 3.77 -8.89
N PHE B 45 16.16 4.03 -10.20
CA PHE B 45 16.64 3.06 -11.17
C PHE B 45 17.94 3.59 -11.78
N SER B 46 18.91 2.70 -11.95
CA SER B 46 20.06 3.01 -12.81
C SER B 46 19.74 2.51 -14.21
N TYR B 47 19.72 3.42 -15.19
CA TYR B 47 19.31 3.08 -16.55
C TYR B 47 20.50 3.07 -17.50
N SER B 48 20.38 2.25 -18.56
CA SER B 48 21.43 2.05 -19.55
C SER B 48 20.82 1.69 -20.89
N CYS B 49 21.50 2.08 -21.96
CA CYS B 49 21.07 1.73 -23.30
C CYS B 49 21.35 0.26 -23.60
N GLN B 50 22.19 -0.37 -22.78
CA GLN B 50 22.51 -1.78 -22.96
C GLN B 50 21.35 -2.62 -22.42
N GLU B 51 20.87 -3.54 -23.25
CA GLU B 51 19.85 -4.50 -22.86
C GLU B 51 20.25 -5.14 -21.53
N GLY B 52 19.36 -5.08 -20.54
CA GLY B 52 19.50 -5.83 -19.31
C GLY B 52 20.38 -5.12 -18.27
N GLU B 53 20.71 -3.86 -18.49
CA GLU B 53 21.57 -3.14 -17.57
C GLU B 53 20.79 -2.02 -16.88
N THR B 54 19.47 -1.95 -17.12
CA THR B 54 18.61 -1.06 -16.37
C THR B 54 18.12 -1.82 -15.14
N LYS B 55 18.49 -1.34 -13.94
CA LYS B 55 18.26 -2.06 -12.69
C LYS B 55 17.71 -1.09 -11.65
N GLU B 56 16.92 -1.62 -10.71
CA GLU B 56 16.47 -0.85 -9.56
C GLU B 56 17.67 -0.67 -8.64
N LEU B 57 17.98 0.56 -8.24
CA LEU B 57 19.12 0.77 -7.36
C LEU B 57 18.68 0.65 -5.91
N TRP B 58 17.61 1.36 -5.54
CA TRP B 58 17.01 1.23 -4.23
C TRP B 58 15.55 1.68 -4.27
N SER B 59 14.81 1.33 -3.20
CA SER B 59 13.44 1.78 -3.04
C SER B 59 13.21 2.20 -1.59
N SER B 60 12.17 3.02 -1.37
CA SER B 60 11.78 3.50 -0.05
C SER B 60 10.27 3.39 0.09
N GLY B 61 9.84 2.79 1.21
CA GLY B 61 8.42 2.57 1.44
C GLY B 61 7.85 3.41 2.58
N HIS B 62 8.51 4.53 2.91
CA HIS B 62 8.22 5.28 4.12
C HIS B 62 6.91 6.07 4.01
N HIS B 63 6.55 6.59 2.83
CA HIS B 63 5.30 7.31 2.68
C HIS B 63 4.12 6.38 3.01
N LEU B 64 3.07 6.96 3.59
CA LEU B 64 1.90 6.21 4.00
C LEU B 64 0.82 6.22 2.91
N LYS B 65 0.94 7.15 1.94
CA LYS B 65 0.01 7.22 0.83
C LYS B 65 0.77 7.62 -0.43
N ALA B 66 0.04 7.70 -1.56
CA ALA B 66 0.58 8.05 -2.86
C ALA B 66 1.68 9.10 -2.77
N CYS B 67 2.76 8.82 -3.50
CA CYS B 67 3.85 9.77 -3.65
C CYS B 67 3.64 10.48 -4.98
N ARG B 68 3.36 11.79 -4.89
CA ARG B 68 2.82 12.56 -5.99
C ARG B 68 3.93 13.23 -6.81
N ALA B 69 5.09 13.50 -6.19
CA ALA B 69 6.20 14.13 -6.89
C ALA B 69 7.51 13.84 -6.17
N VAL B 70 8.59 13.87 -6.97
CA VAL B 70 9.93 13.65 -6.47
C VAL B 70 10.86 14.59 -7.23
N ALA B 71 11.97 14.95 -6.60
CA ALA B 71 12.96 15.82 -7.24
C ALA B 71 14.32 15.58 -6.60
N PHE B 72 15.35 15.52 -7.44
CA PHE B 72 16.71 15.39 -6.94
C PHE B 72 17.26 16.76 -6.63
N SER B 73 18.04 16.86 -5.55
CA SER B 73 18.76 18.08 -5.23
C SER B 73 19.75 18.40 -6.35
N GLU B 74 20.11 19.68 -6.45
CA GLU B 74 20.99 20.14 -7.52
C GLU B 74 22.36 19.45 -7.44
N ASP B 75 22.83 19.15 -6.22
CA ASP B 75 24.13 18.51 -6.04
C ASP B 75 24.03 17.00 -6.26
N GLY B 76 22.81 16.48 -6.41
CA GLY B 76 22.62 15.08 -6.75
C GLY B 76 22.70 14.13 -5.54
N GLN B 77 22.87 14.68 -4.34
CA GLN B 77 23.03 13.89 -3.14
C GLN B 77 21.68 13.45 -2.54
N LYS B 78 20.60 14.22 -2.76
CA LYS B 78 19.33 13.94 -2.10
C LYS B 78 18.19 13.79 -3.12
N LEU B 79 17.19 13.00 -2.73
CA LEU B 79 15.91 12.91 -3.42
C LEU B 79 14.85 13.38 -2.44
N ILE B 80 14.10 14.41 -2.83
CA ILE B 80 13.04 14.96 -2.02
C ILE B 80 11.70 14.49 -2.59
N THR B 81 10.77 14.09 -1.71
CA THR B 81 9.53 13.49 -2.15
C THR B 81 8.38 14.09 -1.35
N VAL B 82 7.20 14.12 -1.98
CA VAL B 82 5.98 14.61 -1.37
C VAL B 82 4.84 13.64 -1.62
N SER B 83 3.84 13.67 -0.73
CA SER B 83 2.87 12.60 -0.67
C SER B 83 1.50 13.12 -0.26
N LYS B 84 0.49 12.35 -0.66
CA LYS B 84 -0.86 12.49 -0.14
C LYS B 84 -0.92 12.31 1.38
N ASP B 85 0.11 11.66 1.96
CA ASP B 85 0.19 11.50 3.42
C ASP B 85 0.55 12.81 4.12
N LYS B 86 0.78 13.88 3.35
CA LYS B 86 0.91 15.25 3.82
C LYS B 86 2.33 15.51 4.32
N ALA B 87 3.26 14.62 3.97
CA ALA B 87 4.64 14.75 4.43
C ALA B 87 5.58 15.03 3.26
N ILE B 88 6.72 15.60 3.64
CA ILE B 88 7.86 15.83 2.75
C ILE B 88 9.01 15.00 3.30
N HIS B 89 9.65 14.24 2.42
CA HIS B 89 10.77 13.41 2.81
C HIS B 89 12.04 13.86 2.10
N VAL B 90 13.15 13.73 2.84
CA VAL B 90 14.49 13.87 2.28
C VAL B 90 15.18 12.50 2.39
N LEU B 91 15.52 11.95 1.23
CA LEU B 91 16.20 10.65 1.14
C LEU B 91 17.62 10.87 0.64
N ASP B 92 18.58 10.14 1.20
CA ASP B 92 19.95 10.17 0.71
C ASP B 92 20.06 9.26 -0.52
N VAL B 93 20.71 9.75 -1.59
CA VAL B 93 20.72 9.03 -2.86
C VAL B 93 21.60 7.78 -2.78
N GLU B 94 22.60 7.75 -1.89
CA GLU B 94 23.52 6.63 -1.92
C GLU B 94 22.74 5.32 -1.81
N GLN B 95 21.82 5.22 -0.83
CA GLN B 95 21.06 3.99 -0.65
C GLN B 95 19.59 4.25 -0.37
N GLY B 96 19.15 5.50 -0.44
CA GLY B 96 17.73 5.80 -0.24
C GLY B 96 17.37 5.83 1.24
N GLN B 97 18.36 6.00 2.13
CA GLN B 97 18.03 6.12 3.54
C GLN B 97 17.23 7.41 3.75
N LEU B 98 16.15 7.30 4.54
CA LEU B 98 15.38 8.45 4.97
C LEU B 98 16.20 9.25 5.98
N GLU B 99 16.46 10.51 5.63
CA GLU B 99 17.20 11.42 6.49
C GLU B 99 16.23 12.30 7.29
N ARG B 100 15.16 12.78 6.65
N ARG B 100 15.10 12.67 6.68
CA ARG B 100 14.22 13.65 7.33
CA ARG B 100 14.23 13.67 7.27
C ARG B 100 12.81 13.39 6.78
C ARG B 100 12.80 13.44 6.77
N ARG B 101 11.86 13.32 7.71
CA ARG B 101 10.43 13.32 7.40
C ARG B 101 9.84 14.54 8.09
N VAL B 102 9.18 15.38 7.31
CA VAL B 102 8.46 16.50 7.87
C VAL B 102 6.98 16.21 7.70
N SER B 103 6.35 15.75 8.79
CA SER B 103 4.96 15.30 8.77
C SER B 103 4.03 16.49 8.92
N LYS B 104 2.81 16.35 8.38
CA LYS B 104 1.81 17.40 8.39
C LYS B 104 2.42 18.71 7.91
N ALA B 105 3.18 18.62 6.81
CA ALA B 105 3.78 19.77 6.15
C ALA B 105 2.70 20.66 5.52
N HIS B 106 1.61 20.04 5.07
CA HIS B 106 0.41 20.76 4.66
C HIS B 106 -0.78 20.12 5.38
N GLY B 107 -1.90 20.85 5.39
CA GLY B 107 -3.16 20.36 5.93
C GLY B 107 -3.93 19.49 4.94
N ALA B 108 -3.41 19.37 3.71
CA ALA B 108 -4.03 18.58 2.66
C ALA B 108 -2.96 17.81 1.90
N PRO B 109 -3.34 16.75 1.16
CA PRO B 109 -2.40 16.01 0.32
C PRO B 109 -1.53 16.94 -0.51
N ILE B 110 -0.23 16.62 -0.59
CA ILE B 110 0.73 17.44 -1.32
C ILE B 110 0.89 16.85 -2.71
N ASN B 111 0.76 17.69 -3.74
CA ASN B 111 0.70 17.27 -5.13
C ASN B 111 1.95 17.67 -5.92
N SER B 112 2.60 18.77 -5.52
CA SER B 112 3.61 19.39 -6.36
C SER B 112 4.82 19.82 -5.52
N LEU B 113 6.01 19.78 -6.12
CA LEU B 113 7.26 20.09 -5.45
C LEU B 113 8.20 20.78 -6.45
N LEU B 114 8.89 21.82 -5.98
CA LEU B 114 9.87 22.48 -6.85
C LEU B 114 11.02 22.94 -5.97
N LEU B 115 12.24 22.55 -6.34
CA LEU B 115 13.42 22.98 -5.61
C LEU B 115 13.85 24.35 -6.12
N VAL B 116 14.14 25.27 -5.19
CA VAL B 116 14.46 26.64 -5.52
C VAL B 116 15.98 26.82 -5.52
N ASP B 117 16.61 26.44 -4.41
CA ASP B 117 18.06 26.50 -4.29
C ASP B 117 18.46 25.42 -3.29
N GLU B 118 19.74 25.37 -2.89
CA GLU B 118 20.21 24.26 -2.08
C GLU B 118 19.49 24.17 -0.73
N ASN B 119 18.85 25.26 -0.29
CA ASN B 119 18.22 25.28 1.03
C ASN B 119 16.70 25.44 0.97
N VAL B 120 16.17 25.77 -0.21
CA VAL B 120 14.80 26.26 -0.29
C VAL B 120 14.00 25.44 -1.31
N LEU B 121 12.77 25.08 -0.92
CA LEU B 121 11.85 24.41 -1.82
C LEU B 121 10.43 24.90 -1.58
N ALA B 122 9.61 24.66 -2.61
CA ALA B 122 8.20 24.99 -2.62
C ALA B 122 7.37 23.72 -2.75
N THR B 123 6.23 23.69 -2.05
CA THR B 123 5.27 22.61 -2.16
C THR B 123 3.87 23.19 -2.37
N GLY B 124 3.06 22.45 -3.10
CA GLY B 124 1.68 22.82 -3.38
C GLY B 124 0.75 21.63 -3.14
N ASP B 125 -0.40 21.91 -2.52
CA ASP B 125 -1.30 20.87 -2.08
C ASP B 125 -2.59 20.84 -2.93
N ASP B 126 -3.44 19.86 -2.60
CA ASP B 126 -4.64 19.56 -3.36
C ASP B 126 -5.75 20.60 -3.18
N THR B 127 -5.61 21.49 -2.18
CA THR B 127 -6.61 22.54 -1.97
C THR B 127 -6.13 23.86 -2.54
N GLY B 128 -4.90 23.88 -3.08
CA GLY B 128 -4.31 25.09 -3.66
C GLY B 128 -3.33 25.80 -2.73
N GLY B 129 -3.04 25.23 -1.55
CA GLY B 129 -2.09 25.84 -0.64
C GLY B 129 -0.65 25.73 -1.14
N ILE B 130 0.07 26.84 -1.08
CA ILE B 130 1.47 26.93 -1.44
C ILE B 130 2.30 27.25 -0.19
N ARG B 131 3.35 26.44 0.04
CA ARG B 131 4.30 26.71 1.11
C ARG B 131 5.72 26.76 0.54
N LEU B 132 6.53 27.62 1.16
CA LEU B 132 7.96 27.72 0.92
C LEU B 132 8.70 27.32 2.19
N TRP B 133 9.81 26.61 2.02
CA TRP B 133 10.55 26.03 3.12
C TRP B 133 12.04 26.29 2.96
N ASP B 134 12.69 26.60 4.09
CA ASP B 134 14.14 26.60 4.20
C ASP B 134 14.53 25.54 5.22
N GLN B 135 15.42 24.63 4.82
CA GLN B 135 15.76 23.51 5.67
C GLN B 135 16.49 23.98 6.92
N ARG B 136 16.95 25.24 6.92
CA ARG B 136 17.67 25.76 8.08
C ARG B 136 16.72 26.31 9.14
N LYS B 137 15.43 26.49 8.81
CA LYS B 137 14.49 27.14 9.71
C LYS B 137 13.29 26.21 9.91
N GLU B 138 12.68 26.31 11.10
CA GLU B 138 11.58 25.43 11.48
C GLU B 138 10.26 26.05 11.01
N GLY B 139 9.36 25.24 10.45
CA GLY B 139 8.09 25.74 9.95
C GLY B 139 8.24 26.41 8.58
N PRO B 140 7.14 26.62 7.83
CA PRO B 140 7.24 27.20 6.50
C PRO B 140 7.61 28.69 6.56
N LEU B 141 8.35 29.14 5.54
CA LEU B 141 8.65 30.56 5.33
C LEU B 141 7.40 31.35 4.94
N MET B 142 6.47 30.67 4.28
CA MET B 142 5.36 31.31 3.61
C MET B 142 4.24 30.27 3.51
N ASP B 143 2.99 30.72 3.72
CA ASP B 143 1.82 29.89 3.56
C ASP B 143 0.75 30.69 2.83
N MET B 144 0.45 30.34 1.58
CA MET B 144 -0.35 31.19 0.72
C MET B 144 -1.47 30.37 0.10
N ARG B 145 -2.70 30.88 0.21
CA ARG B 145 -3.86 30.09 -0.15
C ARG B 145 -4.79 30.80 -1.13
N GLN B 146 -4.24 31.61 -2.03
CA GLN B 146 -5.07 32.34 -2.98
C GLN B 146 -5.67 31.40 -4.02
N HIS B 147 -4.97 30.34 -4.42
CA HIS B 147 -5.55 29.36 -5.33
C HIS B 147 -6.71 28.63 -4.65
N GLU B 148 -7.75 28.30 -5.43
CA GLU B 148 -8.95 27.66 -4.90
C GLU B 148 -8.99 26.15 -5.20
N GLU B 149 -8.09 25.66 -6.05
CA GLU B 149 -8.05 24.24 -6.39
CA GLU B 149 -8.05 24.24 -6.38
C GLU B 149 -6.59 23.80 -6.43
N TYR B 150 -6.39 22.48 -6.62
CA TYR B 150 -5.09 21.84 -6.47
C TYR B 150 -3.98 22.54 -7.28
N ILE B 151 -2.77 22.50 -6.73
CA ILE B 151 -1.58 22.93 -7.43
C ILE B 151 -1.10 21.78 -8.31
N ALA B 152 -1.17 21.98 -9.63
CA ALA B 152 -0.82 20.93 -10.58
C ALA B 152 0.68 20.92 -10.80
N ASP B 153 1.31 22.10 -10.84
CA ASP B 153 2.69 22.21 -11.28
C ASP B 153 3.23 23.56 -10.85
N MET B 154 4.55 23.67 -10.84
CA MET B 154 5.20 24.93 -10.51
C MET B 154 6.43 25.07 -11.40
N ALA B 155 6.84 26.33 -11.59
CA ALA B 155 8.04 26.69 -12.35
C ALA B 155 8.76 27.81 -11.60
N LEU B 156 10.05 27.98 -11.92
CA LEU B 156 10.92 28.91 -11.24
C LEU B 156 11.50 29.92 -12.23
N ASP B 157 11.30 31.21 -11.91
CA ASP B 157 12.01 32.32 -12.50
C ASP B 157 13.50 32.03 -12.60
N PRO B 158 14.16 32.21 -13.76
CA PRO B 158 15.62 32.05 -13.84
C PRO B 158 16.40 32.88 -12.82
N ALA B 159 15.88 34.06 -12.44
CA ALA B 159 16.52 34.92 -11.45
C ALA B 159 16.11 34.52 -10.02
N LYS B 160 15.11 33.63 -9.91
CA LYS B 160 14.72 33.02 -8.65
C LYS B 160 13.99 33.99 -7.74
N LYS B 161 13.42 35.07 -8.30
CA LYS B 161 12.59 35.98 -7.53
C LYS B 161 11.17 35.40 -7.44
N LEU B 162 10.68 34.83 -8.54
CA LEU B 162 9.26 34.48 -8.68
C LEU B 162 9.05 32.98 -8.78
N LEU B 163 8.00 32.51 -8.10
CA LEU B 163 7.49 31.16 -8.20
C LEU B 163 6.21 31.25 -9.02
N LEU B 164 6.12 30.44 -10.09
CA LEU B 164 4.92 30.40 -10.92
C LEU B 164 4.18 29.10 -10.65
N THR B 165 2.85 29.19 -10.55
CA THR B 165 2.02 28.06 -10.20
C THR B 165 0.91 27.87 -11.24
N ALA B 166 0.63 26.60 -11.54
CA ALA B 166 -0.52 26.21 -12.32
C ALA B 166 -1.49 25.45 -11.43
N SER B 167 -2.77 25.87 -11.48
CA SER B 167 -3.79 25.32 -10.61
C SER B 167 -5.00 24.83 -11.41
N GLY B 168 -5.69 23.86 -10.80
CA GLY B 168 -6.99 23.38 -11.26
C GLY B 168 -8.06 24.48 -11.29
N ASP B 169 -7.78 25.63 -10.65
CA ASP B 169 -8.70 26.75 -10.67
C ASP B 169 -8.60 27.53 -11.98
N GLY B 170 -7.68 27.11 -12.87
CA GLY B 170 -7.55 27.72 -14.18
C GLY B 170 -6.57 28.90 -14.18
N CYS B 171 -5.94 29.18 -13.03
CA CYS B 171 -5.08 30.36 -12.94
C CYS B 171 -3.60 30.02 -12.90
N LEU B 172 -2.84 30.90 -13.54
CA LEU B 172 -1.40 31.05 -13.32
C LEU B 172 -1.20 31.91 -12.09
N GLY B 173 -0.48 31.39 -11.08
CA GLY B 173 -0.22 32.18 -9.89
C GLY B 173 1.22 32.67 -9.87
N ILE B 174 1.44 33.81 -9.22
CA ILE B 174 2.76 34.41 -9.12
C ILE B 174 3.01 34.75 -7.66
N PHE B 175 4.10 34.19 -7.11
CA PHE B 175 4.52 34.44 -5.76
C PHE B 175 5.96 34.95 -5.77
N ASN B 176 6.21 35.93 -4.89
CA ASN B 176 7.52 36.52 -4.70
C ASN B 176 8.26 35.76 -3.61
N ILE B 177 9.26 34.97 -4.02
CA ILE B 177 10.02 34.12 -3.13
C ILE B 177 10.81 34.99 -2.14
N LYS B 178 11.44 36.04 -2.67
CA LYS B 178 12.29 36.92 -1.88
C LYS B 178 11.49 37.68 -0.82
N ARG B 179 10.31 38.21 -1.19
CA ARG B 179 9.46 38.97 -0.28
C ARG B 179 8.49 38.07 0.48
N ARG B 180 8.44 36.77 0.13
CA ARG B 180 7.54 35.82 0.76
C ARG B 180 6.09 36.32 0.70
N ARG B 181 5.62 36.69 -0.49
CA ARG B 181 4.27 37.21 -0.59
C ARG B 181 3.62 36.80 -1.90
N PHE B 182 2.30 36.93 -1.94
CA PHE B 182 1.55 36.71 -3.16
C PHE B 182 1.66 37.96 -4.04
N GLU B 183 1.74 37.75 -5.36
CA GLU B 183 1.73 38.85 -6.32
C GLU B 183 0.39 38.91 -7.04
N LEU B 184 -0.03 37.84 -7.71
CA LEU B 184 -1.27 37.87 -8.49
C LEU B 184 -1.64 36.48 -8.93
N LEU B 185 -2.94 36.30 -9.25
CA LEU B 185 -3.46 35.22 -10.05
C LEU B 185 -3.85 35.78 -11.40
N SER B 186 -3.54 35.05 -12.49
CA SER B 186 -3.98 35.43 -13.81
C SER B 186 -5.50 35.34 -13.89
N GLU B 187 -6.05 35.90 -14.96
CA GLU B 187 -7.41 35.58 -15.37
C GLU B 187 -7.58 34.07 -15.42
N PRO B 188 -8.69 33.50 -14.90
CA PRO B 188 -8.91 32.06 -14.95
C PRO B 188 -9.28 31.60 -16.35
N GLN B 189 -8.63 30.52 -16.78
CA GLN B 189 -8.88 29.88 -18.05
C GLN B 189 -10.03 28.87 -17.87
N SER B 190 -10.60 28.47 -19.01
CA SER B 190 -11.68 27.50 -19.02
C SER B 190 -11.15 26.12 -18.67
N GLY B 191 -9.96 25.77 -19.19
CA GLY B 191 -9.30 24.53 -18.83
C GLY B 191 -8.57 24.65 -17.49
N ASP B 192 -8.51 23.55 -16.74
CA ASP B 192 -7.63 23.45 -15.58
C ASP B 192 -6.18 23.52 -16.07
N LEU B 193 -5.31 24.24 -15.34
CA LEU B 193 -3.92 24.32 -15.74
C LEU B 193 -3.16 23.19 -15.04
N THR B 194 -2.52 22.33 -15.85
CA THR B 194 -1.94 21.07 -15.41
C THR B 194 -0.42 21.17 -15.36
N SER B 195 0.12 22.24 -15.95
CA SER B 195 1.52 22.27 -16.32
C SER B 195 1.93 23.71 -16.56
N VAL B 196 3.18 24.04 -16.21
CA VAL B 196 3.69 25.38 -16.40
C VAL B 196 5.18 25.27 -16.65
N THR B 197 5.64 25.88 -17.75
CA THR B 197 7.06 25.91 -18.06
C THR B 197 7.39 27.21 -18.78
N LEU B 198 8.65 27.62 -18.63
CA LEU B 198 9.19 28.79 -19.29
C LEU B 198 9.76 28.36 -20.63
N MET B 199 9.57 29.21 -21.64
CA MET B 199 10.04 28.97 -22.99
C MET B 199 10.60 30.29 -23.50
N LYS B 200 11.35 30.21 -24.61
CA LYS B 200 11.83 31.39 -25.33
C LYS B 200 12.73 32.23 -24.40
N TRP B 201 13.75 31.57 -23.84
CA TRP B 201 14.75 32.26 -23.03
C TRP B 201 14.10 33.09 -21.93
N GLY B 202 13.08 32.53 -21.28
CA GLY B 202 12.49 33.14 -20.09
C GLY B 202 11.41 34.17 -20.40
N LYS B 203 11.06 34.35 -21.69
CA LYS B 203 10.17 35.43 -22.09
C LYS B 203 8.71 34.97 -22.20
N LYS B 204 8.47 33.66 -22.26
CA LYS B 204 7.12 33.15 -22.41
C LYS B 204 6.84 32.08 -21.35
N VAL B 205 5.62 32.08 -20.83
CA VAL B 205 5.16 31.03 -19.94
C VAL B 205 4.14 30.18 -20.70
N ALA B 206 4.42 28.88 -20.82
CA ALA B 206 3.49 27.98 -21.45
C ALA B 206 2.80 27.13 -20.39
N CYS B 207 1.46 27.12 -20.44
CA CYS B 207 0.62 26.33 -19.56
C CYS B 207 -0.29 25.42 -20.38
N GLY B 208 -0.24 24.11 -20.11
CA GLY B 208 -1.16 23.16 -20.72
C GLY B 208 -2.43 23.04 -19.86
N SER B 209 -3.53 22.61 -20.49
CA SER B 209 -4.83 22.56 -19.85
C SER B 209 -5.52 21.21 -20.01
N SER B 210 -6.52 21.00 -19.15
CA SER B 210 -7.37 19.82 -19.16
C SER B 210 -8.21 19.71 -20.43
N GLU B 211 -8.25 20.76 -21.28
CA GLU B 211 -9.02 20.76 -22.52
C GLU B 211 -8.10 20.51 -23.72
N GLY B 212 -6.80 20.39 -23.46
CA GLY B 212 -5.83 20.13 -24.51
C GLY B 212 -5.49 21.41 -25.26
N THR B 213 -5.39 22.50 -24.49
CA THR B 213 -4.96 23.80 -24.98
C THR B 213 -3.66 24.20 -24.29
N ILE B 214 -2.74 24.80 -25.05
CA ILE B 214 -1.55 25.44 -24.50
C ILE B 214 -1.77 26.95 -24.50
N TYR B 215 -1.69 27.55 -23.32
CA TYR B 215 -1.81 28.99 -23.19
C TYR B 215 -0.42 29.59 -23.01
N LEU B 216 -0.17 30.73 -23.69
CA LEU B 216 1.07 31.45 -23.51
C LEU B 216 0.79 32.75 -22.77
N PHE B 217 1.73 33.10 -21.87
CA PHE B 217 1.76 34.39 -21.21
C PHE B 217 3.13 35.03 -21.45
N ASN B 218 3.15 36.35 -21.64
CA ASN B 218 4.42 37.05 -21.67
C ASN B 218 5.00 37.14 -20.26
N TRP B 219 6.34 37.08 -20.18
CA TRP B 219 7.04 37.40 -18.96
C TRP B 219 6.67 38.81 -18.52
N ASN B 220 6.30 38.95 -17.24
CA ASN B 220 5.86 40.20 -16.66
C ASN B 220 4.58 40.71 -17.34
N GLY B 221 3.87 39.83 -18.04
CA GLY B 221 2.49 40.07 -18.43
C GLY B 221 1.62 38.90 -17.97
N PHE B 222 1.63 38.67 -16.65
CA PHE B 222 1.15 37.43 -16.08
C PHE B 222 -0.36 37.42 -15.89
N GLY B 223 -1.03 38.57 -16.12
CA GLY B 223 -2.43 38.73 -15.74
C GLY B 223 -3.40 38.15 -16.76
N ALA B 224 -2.94 37.99 -18.01
CA ALA B 224 -3.79 37.61 -19.12
C ALA B 224 -2.94 36.98 -20.21
N THR B 225 -3.50 35.99 -20.92
CA THR B 225 -2.76 35.25 -21.93
C THR B 225 -2.46 36.18 -23.10
N SER B 226 -1.29 35.95 -23.72
CA SER B 226 -0.91 36.68 -24.93
C SER B 226 -1.17 35.80 -26.16
N ASP B 227 -1.42 34.51 -25.95
CA ASP B 227 -1.64 33.59 -27.06
C ASP B 227 -2.22 32.29 -26.50
N ARG B 228 -2.79 31.49 -27.40
CA ARG B 228 -3.32 30.19 -27.04
C ARG B 228 -3.44 29.37 -28.31
N PHE B 229 -3.31 28.05 -28.18
CA PHE B 229 -3.65 27.20 -29.30
C PHE B 229 -4.01 25.80 -28.81
N ALA B 230 -4.88 25.17 -29.59
CA ALA B 230 -5.46 23.89 -29.25
C ALA B 230 -4.67 22.77 -29.92
N LEU B 231 -4.52 21.63 -29.24
CA LEU B 231 -4.11 20.40 -29.92
C LEU B 231 -5.39 19.61 -30.19
N ARG B 232 -5.30 18.62 -31.09
CA ARG B 232 -6.44 17.73 -31.29
C ARG B 232 -6.72 16.98 -29.98
N ALA B 233 -5.67 16.74 -29.18
CA ALA B 233 -5.75 16.00 -27.93
C ALA B 233 -6.80 16.59 -26.98
N GLU B 234 -7.50 15.73 -26.23
CA GLU B 234 -8.54 16.16 -25.31
C GLU B 234 -7.94 16.71 -24.01
N SER B 235 -6.67 16.39 -23.72
CA SER B 235 -6.02 16.96 -22.55
C SER B 235 -4.52 17.08 -22.75
N ILE B 236 -3.93 17.98 -21.97
CA ILE B 236 -2.51 18.03 -21.69
C ILE B 236 -2.37 17.96 -20.17
N ASP B 237 -1.65 16.93 -19.69
CA ASP B 237 -1.55 16.64 -18.26
C ASP B 237 -0.14 16.84 -17.71
N CYS B 238 0.83 17.00 -18.62
CA CYS B 238 2.21 17.17 -18.22
C CYS B 238 2.98 17.71 -19.42
N MET B 239 3.97 18.56 -19.11
CA MET B 239 4.83 19.13 -20.12
C MET B 239 6.26 19.26 -19.57
N VAL B 240 7.24 19.07 -20.46
CA VAL B 240 8.63 19.35 -20.16
C VAL B 240 9.26 20.02 -21.38
N PRO B 241 10.11 21.05 -21.16
CA PRO B 241 10.82 21.70 -22.26
C PRO B 241 12.03 20.88 -22.70
N VAL B 242 12.24 20.83 -24.01
CA VAL B 242 13.38 20.13 -24.59
C VAL B 242 14.36 21.14 -25.20
N THR B 243 13.86 22.25 -25.76
CA THR B 243 14.67 23.41 -26.13
C THR B 243 13.94 24.66 -25.69
N GLU B 244 14.42 25.83 -26.15
CA GLU B 244 13.75 27.09 -25.87
C GLU B 244 12.45 27.21 -26.65
N SER B 245 12.29 26.42 -27.74
CA SER B 245 11.11 26.48 -28.59
C SER B 245 10.31 25.17 -28.58
N LEU B 246 10.93 24.04 -28.22
CA LEU B 246 10.30 22.74 -28.34
C LEU B 246 10.02 22.14 -26.96
N LEU B 247 8.79 21.66 -26.77
CA LEU B 247 8.45 20.95 -25.54
C LEU B 247 7.71 19.68 -25.90
N CYS B 248 7.56 18.80 -24.89
CA CYS B 248 6.80 17.58 -25.03
C CYS B 248 5.60 17.61 -24.07
N THR B 249 4.49 17.02 -24.52
CA THR B 249 3.26 16.92 -23.73
C THR B 249 2.88 15.47 -23.56
N GLY B 250 2.20 15.19 -22.44
CA GLY B 250 1.54 13.93 -22.20
C GLY B 250 0.05 14.16 -22.00
N SER B 251 -0.77 13.22 -22.46
CA SER B 251 -2.21 13.37 -22.49
C SER B 251 -2.89 12.08 -22.02
N THR B 252 -4.20 12.20 -21.75
CA THR B 252 -4.99 11.07 -21.28
C THR B 252 -5.11 9.99 -22.36
N ASP B 253 -4.94 10.32 -23.65
CA ASP B 253 -5.02 9.31 -24.70
C ASP B 253 -3.73 8.48 -24.79
N GLY B 254 -2.73 8.85 -23.99
CA GLY B 254 -1.54 8.04 -23.85
C GLY B 254 -0.42 8.44 -24.81
N VAL B 255 -0.67 9.48 -25.63
CA VAL B 255 0.26 9.90 -26.66
C VAL B 255 1.16 11.01 -26.12
N ILE B 256 2.46 10.88 -26.41
CA ILE B 256 3.43 11.93 -26.09
C ILE B 256 3.67 12.71 -27.37
N ARG B 257 3.42 14.02 -27.31
CA ARG B 257 3.54 14.88 -28.49
C ARG B 257 4.72 15.83 -28.30
N ALA B 258 5.41 16.08 -29.42
CA ALA B 258 6.38 17.15 -29.51
C ALA B 258 5.69 18.37 -30.10
N VAL B 259 5.86 19.52 -29.44
CA VAL B 259 5.13 20.72 -29.80
C VAL B 259 6.08 21.92 -29.79
N ASN B 260 6.13 22.61 -30.94
CA ASN B 260 6.95 23.80 -31.10
C ASN B 260 6.13 25.00 -30.65
N ILE B 261 6.82 25.98 -30.04
CA ILE B 261 6.17 27.19 -29.55
C ILE B 261 6.66 28.38 -30.36
N LEU B 262 5.73 29.13 -30.95
CA LEU B 262 5.98 30.37 -31.69
C LEU B 262 7.14 30.18 -32.66
N PRO B 263 6.95 29.50 -33.82
CA PRO B 263 5.62 29.18 -34.32
C PRO B 263 5.01 27.97 -33.60
N ASN B 264 3.75 28.15 -33.20
CA ASN B 264 2.97 27.11 -32.54
C ASN B 264 2.66 26.02 -33.55
N ARG B 265 3.21 24.82 -33.35
CA ARG B 265 2.91 23.70 -34.24
C ARG B 265 3.15 22.39 -33.50
N VAL B 266 2.20 21.46 -33.64
CA VAL B 266 2.41 20.08 -33.23
C VAL B 266 3.31 19.40 -34.25
N VAL B 267 4.50 18.98 -33.80
CA VAL B 267 5.51 18.40 -34.68
C VAL B 267 5.15 16.93 -34.95
N GLY B 268 4.60 16.25 -33.95
CA GLY B 268 4.17 14.88 -34.14
C GLY B 268 4.20 14.10 -32.83
N SER B 269 3.96 12.79 -32.92
CA SER B 269 3.97 11.90 -31.78
C SER B 269 5.39 11.40 -31.55
N VAL B 270 5.88 11.53 -30.32
CA VAL B 270 7.17 10.97 -29.92
C VAL B 270 7.01 9.48 -29.67
N GLY B 271 5.82 9.09 -29.20
CA GLY B 271 5.56 7.73 -28.75
C GLY B 271 4.27 7.71 -27.95
N GLN B 272 3.98 6.57 -27.32
CA GLN B 272 2.74 6.43 -26.59
C GLN B 272 2.78 5.29 -25.58
N HIS B 273 1.81 5.35 -24.66
CA HIS B 273 1.47 4.31 -23.73
C HIS B 273 0.07 3.85 -24.11
N THR B 274 -0.02 2.86 -25.00
CA THR B 274 -1.20 2.66 -25.82
C THR B 274 -2.44 2.71 -24.94
N GLY B 275 -3.25 3.77 -25.15
CA GLY B 275 -4.58 3.87 -24.57
C GLY B 275 -4.56 4.14 -23.06
N GLU B 276 -3.40 4.48 -22.52
CA GLU B 276 -3.29 4.70 -21.08
C GLU B 276 -2.77 6.12 -20.82
N PRO B 277 -3.41 6.89 -19.92
CA PRO B 277 -2.93 8.24 -19.57
C PRO B 277 -1.44 8.33 -19.23
N VAL B 278 -0.83 9.43 -19.72
CA VAL B 278 0.54 9.79 -19.39
C VAL B 278 0.48 10.78 -18.23
N GLU B 279 1.12 10.42 -17.12
CA GLU B 279 1.02 11.20 -15.89
C GLU B 279 2.14 12.23 -15.77
N GLU B 280 3.36 11.87 -16.19
CA GLU B 280 4.49 12.75 -15.97
C GLU B 280 5.57 12.50 -17.03
N LEU B 281 6.36 13.54 -17.25
CA LEU B 281 7.52 13.54 -18.13
C LEU B 281 8.74 14.05 -17.38
N ALA B 282 9.93 13.67 -17.86
CA ALA B 282 11.20 14.21 -17.36
C ALA B 282 12.26 14.05 -18.43
N LEU B 283 13.29 14.93 -18.39
CA LEU B 283 14.38 14.95 -19.34
C LEU B 283 15.71 14.66 -18.63
N SER B 284 16.51 13.75 -19.20
CA SER B 284 17.79 13.33 -18.65
C SER B 284 18.77 14.49 -18.58
N HIS B 285 19.73 14.40 -17.65
CA HIS B 285 20.71 15.46 -17.45
C HIS B 285 21.52 15.72 -18.72
N CYS B 286 21.62 14.68 -19.55
CA CYS B 286 22.45 14.71 -20.74
C CYS B 286 21.63 15.15 -21.95
N GLY B 287 20.30 15.24 -21.78
CA GLY B 287 19.44 15.78 -22.82
C GLY B 287 19.03 14.74 -23.87
N ARG B 288 19.60 13.54 -23.77
CA ARG B 288 19.37 12.54 -24.79
C ARG B 288 18.00 11.88 -24.66
N PHE B 289 17.47 11.78 -23.43
CA PHE B 289 16.35 10.89 -23.17
C PHE B 289 15.17 11.61 -22.50
N LEU B 290 13.98 11.38 -23.04
CA LEU B 290 12.72 11.76 -22.39
C LEU B 290 12.16 10.52 -21.70
N ALA B 291 11.81 10.64 -20.42
CA ALA B 291 11.12 9.56 -19.74
C ALA B 291 9.65 9.92 -19.59
N SER B 292 8.76 8.95 -19.83
CA SER B 292 7.34 9.15 -19.62
C SER B 292 6.83 8.06 -18.68
N SER B 293 5.87 8.42 -17.82
CA SER B 293 5.24 7.49 -16.89
C SER B 293 3.74 7.43 -17.16
N GLY B 294 3.24 6.21 -17.38
CA GLY B 294 1.87 6.02 -17.84
C GLY B 294 1.07 5.08 -16.95
N HIS B 295 -0.26 5.12 -17.11
CA HIS B 295 -1.17 4.26 -16.37
C HIS B 295 -1.03 2.80 -16.81
N ASP B 296 -0.23 2.53 -17.85
CA ASP B 296 0.15 1.18 -18.23
C ASP B 296 1.23 0.65 -17.29
N GLN B 297 1.64 1.44 -16.31
CA GLN B 297 2.64 1.06 -15.31
C GLN B 297 4.01 0.89 -15.96
N ARG B 298 4.31 1.70 -16.99
CA ARG B 298 5.60 1.66 -17.64
C ARG B 298 6.27 3.02 -17.53
N LEU B 299 7.59 3.00 -17.35
CA LEU B 299 8.43 4.16 -17.61
C LEU B 299 9.08 3.88 -18.96
N LYS B 300 8.79 4.73 -19.94
CA LYS B 300 9.36 4.58 -21.27
C LYS B 300 10.33 5.72 -21.55
N PHE B 301 11.34 5.40 -22.36
CA PHE B 301 12.40 6.32 -22.72
C PHE B 301 12.32 6.61 -24.22
N TRP B 302 12.47 7.90 -24.56
CA TRP B 302 12.38 8.36 -25.94
C TRP B 302 13.62 9.16 -26.31
N ASP B 303 14.01 9.04 -27.58
CA ASP B 303 15.26 9.57 -28.08
C ASP B 303 15.06 11.03 -28.50
N MET B 304 15.65 11.95 -27.73
CA MET B 304 15.48 13.38 -27.96
C MET B 304 16.48 13.89 -28.99
N ALA B 305 17.55 13.13 -29.27
CA ALA B 305 18.46 13.52 -30.35
C ALA B 305 17.71 13.50 -31.66
N GLN B 306 17.02 12.38 -31.93
CA GLN B 306 16.24 12.23 -33.17
C GLN B 306 15.22 13.37 -33.29
N LEU B 307 14.53 13.67 -32.18
CA LEU B 307 13.50 14.69 -32.16
C LEU B 307 14.08 16.03 -32.59
N ARG B 308 15.10 16.48 -31.84
CA ARG B 308 15.70 17.80 -32.05
C ARG B 308 16.16 17.92 -33.50
N ALA B 309 16.65 16.81 -34.06
CA ALA B 309 17.13 16.79 -35.45
C ALA B 309 15.98 16.84 -36.44
N VAL B 310 14.87 16.13 -36.15
CA VAL B 310 13.71 16.11 -37.03
C VAL B 310 13.23 17.56 -37.21
N VAL B 311 13.39 18.36 -36.15
CA VAL B 311 13.16 19.80 -36.20
C VAL B 311 14.51 20.49 -36.42
#